data_3TWQ
#
_entry.id   3TWQ
#
_cell.length_a   47.524
_cell.length_b   47.524
_cell.length_c   250.935
_cell.angle_alpha   90.00
_cell.angle_beta   90.00
_cell.angle_gamma   120.00
#
_symmetry.space_group_name_H-M   'P 31 1 2'
#
loop_
_entity.id
_entity.type
_entity.pdbx_description
1 polymer Tankyrase-2
2 non-polymer 'SULFATE ION'
3 non-polymer GLYCEROL
4 water water
#
_entity_poly.entity_id   1
_entity_poly.type   'polypeptide(L)'
_entity_poly.pdbx_seq_one_letter_code
;GAMGISLGNSEADRQLLEAAKAGDVETVKKLCTVQSVNCRDIEGRQSTPLHFAAGYNRVSVVEYLLQHGADVHAKDKGGL
VPLHNACSYGHYEVAELLVKHGAVVNVADLWKFTPLHEAAAKGKYEICKLLLQHGADPTKKNRDGNTPLDLVKDGDTDIQ
DLLRGDAALLDAAKK
;
_entity_poly.pdbx_strand_id   A,B
#
# COMPACT_ATOMS: atom_id res chain seq x y z
N GLY A 1 0.80 13.68 16.49
CA GLY A 1 0.08 13.78 15.24
C GLY A 1 -1.27 13.10 15.30
N ALA A 2 -1.69 12.53 14.18
CA ALA A 2 -3.04 11.98 14.01
C ALA A 2 -3.27 10.58 14.59
N MET A 3 -2.25 9.96 15.16
CA MET A 3 -2.41 8.65 15.80
C MET A 3 -3.67 8.57 16.67
N GLY A 4 -4.46 7.51 16.48
CA GLY A 4 -5.70 7.33 17.23
C GLY A 4 -6.83 6.83 16.35
N ILE A 5 -8.06 7.20 16.68
CA ILE A 5 -9.25 6.73 15.94
C ILE A 5 -9.50 7.49 14.65
N SER A 6 -8.71 8.52 14.36
CA SER A 6 -8.97 9.35 13.21
C SER A 6 -8.51 8.66 11.94
N LEU A 7 -9.22 8.91 10.85
CA LEU A 7 -8.88 8.30 9.58
C LEU A 7 -9.34 9.16 8.40
N GLY A 8 -8.64 9.08 7.26
CA GLY A 8 -9.06 9.80 6.08
C GLY A 8 -7.94 10.00 5.07
N ASN A 9 -8.25 10.68 3.97
CA ASN A 9 -7.27 10.99 2.91
C ASN A 9 -7.04 12.48 2.76
N SER A 10 -5.90 12.85 2.19
CA SER A 10 -5.70 14.24 1.78
C SER A 10 -6.50 14.48 0.49
N GLU A 11 -6.76 15.75 0.20
CA GLU A 11 -7.47 16.13 -1.01
C GLU A 11 -6.69 15.72 -2.24
N ALA A 12 -5.36 15.90 -2.19
CA ALA A 12 -4.51 15.50 -3.31
C ALA A 12 -4.68 14.01 -3.65
N ASP A 13 -4.69 13.16 -2.64
CA ASP A 13 -4.81 11.72 -2.88
C ASP A 13 -6.21 11.35 -3.37
N ARG A 14 -7.21 12.02 -2.80
CA ARG A 14 -8.60 11.91 -3.23
C ARG A 14 -8.80 12.33 -4.69
N GLN A 15 -8.10 13.38 -5.10
CA GLN A 15 -8.16 13.85 -6.49
C GLN A 15 -7.53 12.85 -7.46
N LEU A 16 -6.42 12.24 -7.04
CA LEU A 16 -5.74 11.25 -7.85
C LEU A 16 -6.57 9.99 -8.03
N LEU A 17 -7.16 9.50 -6.95
CA LEU A 17 -8.01 8.31 -7.02
C LEU A 17 -9.21 8.55 -7.94
N GLU A 18 -9.90 9.68 -7.75
CA GLU A 18 -11.00 10.08 -8.63
C GLU A 18 -10.59 10.16 -10.10
N ALA A 19 -9.43 10.75 -10.35
CA ALA A 19 -8.92 10.93 -11.70
C ALA A 19 -8.62 9.57 -12.32
N ALA A 20 -8.09 8.65 -11.52
CA ALA A 20 -7.78 7.31 -12.01
C ALA A 20 -9.05 6.55 -12.38
N LYS A 21 -10.09 6.74 -11.58
CA LYS A 21 -11.39 6.12 -11.82
C LYS A 21 -12.04 6.71 -13.07
N ALA A 22 -11.88 8.03 -13.25
CA ALA A 22 -12.47 8.76 -14.37
C ALA A 22 -11.70 8.63 -15.68
N GLY A 23 -10.42 8.27 -15.60
CA GLY A 23 -9.61 8.14 -16.80
C GLY A 23 -9.08 9.51 -17.18
N ASP A 24 -9.05 10.40 -16.20
CA ASP A 24 -8.58 11.78 -16.41
C ASP A 24 -7.04 11.77 -16.38
N VAL A 25 -6.45 11.35 -17.49
CA VAL A 25 -5.01 11.13 -17.56
C VAL A 25 -4.19 12.37 -17.21
N GLU A 26 -4.68 13.54 -17.62
CA GLU A 26 -3.98 14.79 -17.35
C GLU A 26 -3.83 15.05 -15.85
N THR A 27 -4.89 14.82 -15.08
CA THR A 27 -4.80 15.01 -13.64
C THR A 27 -3.91 13.94 -13.01
N VAL A 28 -4.08 12.68 -13.42
CA VAL A 28 -3.20 11.60 -12.99
C VAL A 28 -1.72 11.97 -13.17
N LYS A 29 -1.32 12.40 -14.37
CA LYS A 29 0.05 12.77 -14.64
C LYS A 29 0.54 13.90 -13.73
N LYS A 30 -0.33 14.88 -13.51
CA LYS A 30 -0.05 15.98 -12.61
C LYS A 30 0.21 15.50 -11.17
N LEU A 31 -0.69 14.67 -10.65
CA LEU A 31 -0.68 14.31 -9.22
C LEU A 31 0.09 13.04 -8.86
N CYS A 32 0.46 12.25 -9.86
CA CYS A 32 1.14 10.99 -9.58
C CYS A 32 2.61 11.23 -9.29
N THR A 33 3.02 10.91 -8.07
CA THR A 33 4.42 10.96 -7.70
C THR A 33 4.76 9.69 -6.95
N VAL A 34 6.04 9.52 -6.68
CA VAL A 34 6.53 8.40 -5.90
C VAL A 34 5.78 8.28 -4.57
N GLN A 35 5.33 9.42 -4.01
CA GLN A 35 4.61 9.41 -2.74
C GLN A 35 3.16 8.99 -2.88
N SER A 36 2.53 9.38 -3.99
CA SER A 36 1.09 9.23 -4.10
C SER A 36 0.64 8.05 -4.96
N VAL A 37 1.54 7.51 -5.78
CA VAL A 37 1.16 6.52 -6.78
C VAL A 37 0.37 5.34 -6.22
N ASN A 38 0.70 4.93 -4.99
CA ASN A 38 0.00 3.83 -4.31
C ASN A 38 -0.81 4.23 -3.08
N CYS A 39 -1.36 5.45 -3.09
CA CYS A 39 -2.26 5.88 -2.04
C CYS A 39 -3.51 5.01 -1.96
N ARG A 40 -4.08 4.92 -0.77
CA ARG A 40 -5.26 4.10 -0.51
C ARG A 40 -6.51 4.95 -0.31
N ASP A 41 -7.63 4.47 -0.82
CA ASP A 41 -8.94 5.08 -0.55
C ASP A 41 -9.40 4.71 0.87
N ILE A 42 -8.95 5.48 1.85
CA ILE A 42 -9.21 5.19 3.27
C ILE A 42 -10.72 5.19 3.62
N GLU A 43 -11.51 6.01 2.94
CA GLU A 43 -12.93 6.10 3.28
C GLU A 43 -13.75 5.11 2.46
N GLY A 44 -13.07 4.33 1.62
CA GLY A 44 -13.71 3.30 0.83
C GLY A 44 -13.27 1.93 1.31
N ARG A 45 -12.59 1.18 0.45
CA ARG A 45 -12.12 -0.15 0.80
C ARG A 45 -10.61 -0.30 0.59
N GLN A 46 -9.92 0.83 0.60
CA GLN A 46 -8.47 0.89 0.46
C GLN A 46 -7.98 0.45 -0.92
N SER A 47 -8.80 0.66 -1.94
CA SER A 47 -8.32 0.54 -3.31
C SER A 47 -7.23 1.59 -3.59
N THR A 48 -6.35 1.27 -4.56
CA THR A 48 -5.31 2.18 -5.01
C THR A 48 -5.74 2.79 -6.35
N PRO A 49 -5.03 3.82 -6.82
CA PRO A 49 -5.28 4.29 -8.18
C PRO A 49 -5.27 3.15 -9.19
N LEU A 50 -4.34 2.21 -9.08
CA LEU A 50 -4.31 1.07 -10.00
C LEU A 50 -5.59 0.22 -9.95
N HIS A 51 -6.14 -0.02 -8.74
CA HIS A 51 -7.43 -0.71 -8.62
C HIS A 51 -8.50 -0.02 -9.45
N PHE A 52 -8.62 1.29 -9.27
CA PHE A 52 -9.66 2.04 -9.94
C PHE A 52 -9.46 2.02 -11.45
N ALA A 53 -8.23 2.24 -11.90
CA ALA A 53 -7.95 2.27 -13.32
C ALA A 53 -8.23 0.90 -13.95
N ALA A 54 -7.77 -0.14 -13.27
CA ALA A 54 -8.03 -1.49 -13.73
C ALA A 54 -9.54 -1.78 -13.77
N GLY A 55 -10.25 -1.40 -12.72
CA GLY A 55 -11.69 -1.64 -12.63
C GLY A 55 -12.57 -0.85 -13.60
N TYR A 56 -12.11 0.32 -14.04
CA TYR A 56 -12.88 1.14 -14.98
C TYR A 56 -12.33 1.08 -16.41
N ASN A 57 -11.42 0.14 -16.64
CA ASN A 57 -10.87 -0.14 -17.97
C ASN A 57 -10.20 1.09 -18.57
N ARG A 58 -9.36 1.73 -17.77
CA ARG A 58 -8.69 2.93 -18.22
C ARG A 58 -7.30 2.50 -18.61
N VAL A 59 -7.17 1.99 -19.84
CA VAL A 59 -5.93 1.35 -20.28
C VAL A 59 -4.70 2.26 -20.26
N SER A 60 -4.82 3.47 -20.79
CA SER A 60 -3.67 4.38 -20.80
C SER A 60 -3.28 4.85 -19.40
N VAL A 61 -4.26 4.93 -18.49
CA VAL A 61 -3.99 5.26 -17.09
C VAL A 61 -3.27 4.11 -16.41
N VAL A 62 -3.74 2.89 -16.66
CA VAL A 62 -3.08 1.69 -16.17
C VAL A 62 -1.64 1.66 -16.65
N GLU A 63 -1.44 1.90 -17.95
CA GLU A 63 -0.10 1.94 -18.53
C GLU A 63 0.77 2.97 -17.82
N TYR A 64 0.30 4.22 -17.78
CA TYR A 64 1.03 5.27 -17.08
C TYR A 64 1.39 4.89 -15.65
N LEU A 65 0.43 4.36 -14.91
CA LEU A 65 0.65 3.99 -13.51
C LEU A 65 1.71 2.90 -13.37
N LEU A 66 1.61 1.86 -14.19
CA LEU A 66 2.59 0.78 -14.13
C LEU A 66 3.99 1.31 -14.42
N GLN A 67 4.10 2.24 -15.36
CA GLN A 67 5.38 2.86 -15.68
C GLN A 67 5.94 3.73 -14.55
N HIS A 68 5.11 4.11 -13.58
CA HIS A 68 5.55 5.05 -12.56
C HIS A 68 5.44 4.54 -11.14
N GLY A 69 5.64 3.23 -10.95
CA GLY A 69 5.72 2.65 -9.62
C GLY A 69 4.47 2.04 -9.02
N ALA A 70 3.39 1.95 -9.79
CA ALA A 70 2.16 1.35 -9.27
C ALA A 70 2.40 -0.11 -8.88
N ASP A 71 1.87 -0.48 -7.72
CA ASP A 71 2.06 -1.80 -7.12
C ASP A 71 0.94 -2.76 -7.55
N VAL A 72 1.25 -3.68 -8.45
CA VAL A 72 0.29 -4.71 -8.86
C VAL A 72 -0.10 -5.67 -7.73
N HIS A 73 0.63 -5.62 -6.60
CA HIS A 73 0.39 -6.53 -5.49
C HIS A 73 -0.43 -5.94 -4.34
N ALA A 74 -0.78 -4.66 -4.46
CA ALA A 74 -1.57 -4.00 -3.44
C ALA A 74 -2.92 -4.67 -3.34
N LYS A 75 -3.35 -4.90 -2.12
CA LYS A 75 -4.60 -5.59 -1.87
C LYS A 75 -5.55 -4.59 -1.24
N ASP A 76 -6.82 -4.65 -1.58
CA ASP A 76 -7.80 -3.81 -0.88
C ASP A 76 -8.17 -4.50 0.41
N LYS A 77 -9.21 -4.04 1.10
CA LYS A 77 -9.52 -4.59 2.42
C LYS A 77 -10.05 -6.04 2.39
N GLY A 78 -10.52 -6.46 1.22
CA GLY A 78 -11.08 -7.79 1.02
C GLY A 78 -10.12 -8.76 0.35
N GLY A 79 -8.90 -8.32 0.07
CA GLY A 79 -7.88 -9.19 -0.46
C GLY A 79 -7.75 -9.08 -1.96
N LEU A 80 -8.47 -8.14 -2.56
CA LEU A 80 -8.47 -8.03 -4.00
C LEU A 80 -7.29 -7.23 -4.49
N VAL A 81 -6.62 -7.71 -5.54
CA VAL A 81 -5.59 -6.93 -6.22
C VAL A 81 -6.18 -6.37 -7.53
N PRO A 82 -5.49 -5.42 -8.20
CA PRO A 82 -6.03 -4.90 -9.46
C PRO A 82 -6.38 -5.96 -10.51
N LEU A 83 -5.66 -7.09 -10.54
CA LEU A 83 -5.97 -8.14 -11.50
C LEU A 83 -7.35 -8.78 -11.25
N HIS A 84 -7.71 -8.96 -9.97
CA HIS A 84 -9.08 -9.37 -9.59
C HIS A 84 -10.13 -8.47 -10.27
N ASN A 85 -9.93 -7.15 -10.17
CA ASN A 85 -10.86 -6.19 -10.74
C ASN A 85 -10.94 -6.29 -12.27
N ALA A 86 -9.79 -6.39 -12.91
CA ALA A 86 -9.74 -6.53 -14.36
C ALA A 86 -10.50 -7.78 -14.83
N CYS A 87 -10.36 -8.87 -14.09
CA CYS A 87 -10.93 -10.13 -14.55
C CYS A 87 -12.42 -10.19 -14.25
N SER A 88 -12.79 -9.63 -13.10
CA SER A 88 -14.17 -9.56 -12.67
C SER A 88 -15.00 -8.68 -13.61
N TYR A 89 -14.42 -7.58 -14.08
CA TYR A 89 -15.15 -6.72 -14.99
C TYR A 89 -14.83 -7.02 -16.47
N GLY A 90 -13.94 -7.96 -16.72
CA GLY A 90 -13.72 -8.49 -18.06
C GLY A 90 -12.86 -7.65 -18.99
N HIS A 91 -11.87 -6.98 -18.43
CA HIS A 91 -11.01 -6.08 -19.21
C HIS A 91 -9.71 -6.77 -19.63
N TYR A 92 -9.68 -7.25 -20.87
CA TYR A 92 -8.57 -8.08 -21.33
C TYR A 92 -7.26 -7.33 -21.42
N GLU A 93 -7.31 -6.15 -22.03
CA GLU A 93 -6.09 -5.41 -22.28
C GLU A 93 -5.49 -4.96 -20.96
N VAL A 94 -6.35 -4.58 -20.01
CA VAL A 94 -5.89 -4.28 -18.66
C VAL A 94 -5.23 -5.49 -18.05
N ALA A 95 -5.86 -6.66 -18.20
CA ALA A 95 -5.37 -7.87 -17.56
C ALA A 95 -4.02 -8.31 -18.13
N GLU A 96 -3.87 -8.19 -19.44
CA GLU A 96 -2.61 -8.45 -20.11
C GLU A 96 -1.49 -7.51 -19.62
N LEU A 97 -1.80 -6.23 -19.49
CA LEU A 97 -0.82 -5.27 -19.00
C LEU A 97 -0.31 -5.63 -17.61
N LEU A 98 -1.23 -5.91 -16.70
CA LEU A 98 -0.89 -6.24 -15.33
C LEU A 98 -0.04 -7.51 -15.25
N VAL A 99 -0.43 -8.52 -16.00
CA VAL A 99 0.29 -9.79 -16.03
C VAL A 99 1.71 -9.62 -16.57
N LYS A 100 1.86 -8.91 -17.69
CA LYS A 100 3.19 -8.66 -18.24
C LYS A 100 4.09 -7.89 -17.27
N HIS A 101 3.50 -7.04 -16.44
CA HIS A 101 4.23 -6.34 -15.39
C HIS A 101 4.34 -7.11 -14.08
N GLY A 102 4.13 -8.41 -14.14
CA GLY A 102 4.44 -9.29 -13.03
C GLY A 102 3.36 -9.58 -12.00
N ALA A 103 2.11 -9.25 -12.31
CA ALA A 103 1.01 -9.57 -11.38
C ALA A 103 0.94 -11.07 -11.22
N VAL A 104 0.71 -11.51 -9.98
CA VAL A 104 0.62 -12.93 -9.67
C VAL A 104 -0.77 -13.41 -10.03
N VAL A 105 -0.87 -14.47 -10.84
CA VAL A 105 -2.17 -14.94 -11.30
C VAL A 105 -2.91 -15.80 -10.28
N ASN A 106 -2.17 -16.49 -9.42
CA ASN A 106 -2.77 -17.36 -8.42
C ASN A 106 -3.01 -16.70 -7.06
N VAL A 107 -3.09 -15.37 -7.04
CA VAL A 107 -3.39 -14.63 -5.80
C VAL A 107 -4.82 -14.92 -5.33
N ALA A 108 -5.02 -14.99 -4.03
CA ALA A 108 -6.32 -15.31 -3.49
C ALA A 108 -6.86 -14.20 -2.60
N ASP A 109 -8.13 -13.83 -2.78
CA ASP A 109 -8.72 -12.82 -1.94
C ASP A 109 -9.06 -13.38 -0.55
N LEU A 110 -9.82 -12.65 0.23
CA LEU A 110 -10.17 -13.09 1.57
C LEU A 110 -10.96 -14.39 1.54
N TRP A 111 -11.70 -14.62 0.46
CA TRP A 111 -12.52 -15.82 0.36
C TRP A 111 -11.86 -16.90 -0.51
N LYS A 112 -10.57 -16.73 -0.80
CA LYS A 112 -9.77 -17.66 -1.59
C LYS A 112 -10.16 -17.70 -3.08
N PHE A 113 -10.79 -16.63 -3.56
CA PHE A 113 -11.11 -16.49 -4.99
C PHE A 113 -9.88 -15.95 -5.71
N THR A 114 -9.48 -16.61 -6.78
CA THR A 114 -8.38 -16.13 -7.62
C THR A 114 -8.92 -15.40 -8.86
N PRO A 115 -8.06 -14.63 -9.56
CA PRO A 115 -8.49 -14.01 -10.81
C PRO A 115 -9.10 -15.01 -11.82
N LEU A 116 -8.65 -16.25 -11.81
CA LEU A 116 -9.27 -17.27 -12.66
C LEU A 116 -10.71 -17.59 -12.22
N HIS A 117 -10.97 -17.65 -10.92
CA HIS A 117 -12.37 -17.79 -10.46
C HIS A 117 -13.28 -16.69 -11.04
N GLU A 118 -12.76 -15.47 -11.08
CA GLU A 118 -13.54 -14.32 -11.52
C GLU A 118 -13.76 -14.36 -13.02
N ALA A 119 -12.71 -14.66 -13.78
CA ALA A 119 -12.79 -14.66 -15.23
C ALA A 119 -13.62 -15.84 -15.71
N ALA A 120 -13.58 -16.94 -14.95
CA ALA A 120 -14.39 -18.10 -15.28
C ALA A 120 -15.86 -17.83 -15.02
N ALA A 121 -16.15 -17.24 -13.87
CA ALA A 121 -17.53 -16.90 -13.52
C ALA A 121 -18.12 -15.92 -14.53
N LYS A 122 -17.33 -14.92 -14.91
CA LYS A 122 -17.81 -13.91 -15.85
C LYS A 122 -17.88 -14.43 -17.28
N GLY A 123 -17.19 -15.55 -17.54
CA GLY A 123 -17.24 -16.20 -18.85
C GLY A 123 -16.39 -15.54 -19.92
N LYS A 124 -15.20 -15.10 -19.54
CA LYS A 124 -14.30 -14.39 -20.47
C LYS A 124 -13.22 -15.33 -20.96
N TYR A 125 -13.48 -15.95 -22.11
CA TYR A 125 -12.60 -16.98 -22.64
C TYR A 125 -11.17 -16.50 -22.81
N GLU A 126 -10.98 -15.39 -23.51
CA GLU A 126 -9.64 -14.86 -23.77
C GLU A 126 -8.87 -14.54 -22.50
N ILE A 127 -9.53 -13.95 -21.50
CA ILE A 127 -8.88 -13.67 -20.23
C ILE A 127 -8.48 -14.96 -19.51
N CYS A 128 -9.38 -15.94 -19.52
CA CYS A 128 -9.09 -17.25 -18.95
C CYS A 128 -7.84 -17.86 -19.59
N LYS A 129 -7.78 -17.82 -20.92
CA LYS A 129 -6.66 -18.38 -21.68
C LYS A 129 -5.35 -17.69 -21.30
N LEU A 130 -5.40 -16.35 -21.25
CA LEU A 130 -4.27 -15.54 -20.79
C LEU A 130 -3.78 -15.98 -19.42
N LEU A 131 -4.72 -16.12 -18.49
CA LEU A 131 -4.36 -16.48 -17.13
C LEU A 131 -3.73 -17.85 -17.12
N LEU A 132 -4.35 -18.80 -17.80
CA LEU A 132 -3.84 -20.18 -17.79
C LEU A 132 -2.43 -20.25 -18.38
N GLN A 133 -2.21 -19.52 -19.47
CA GLN A 133 -0.90 -19.48 -20.10
C GLN A 133 0.18 -18.90 -19.19
N HIS A 134 -0.23 -18.04 -18.26
CA HIS A 134 0.68 -17.44 -17.28
C HIS A 134 0.69 -18.13 -15.93
N GLY A 135 0.17 -19.35 -15.90
CA GLY A 135 0.34 -20.23 -14.76
C GLY A 135 -0.83 -20.37 -13.80
N ALA A 136 -2.00 -19.87 -14.17
CA ALA A 136 -3.14 -19.91 -13.26
C ALA A 136 -3.63 -21.34 -13.12
N ASP A 137 -3.94 -21.72 -11.90
CA ASP A 137 -4.34 -23.07 -11.54
C ASP A 137 -5.86 -23.21 -11.54
N PRO A 138 -6.42 -23.96 -12.50
CA PRO A 138 -7.87 -24.17 -12.57
C PRO A 138 -8.38 -25.19 -11.56
N THR A 139 -7.53 -25.66 -10.66
CA THR A 139 -7.96 -26.62 -9.65
C THR A 139 -7.99 -26.02 -8.24
N LYS A 140 -7.66 -24.75 -8.10
CA LYS A 140 -7.66 -24.12 -6.77
C LYS A 140 -9.09 -23.87 -6.29
N LYS A 141 -9.38 -24.39 -5.09
CA LYS A 141 -10.68 -24.21 -4.48
C LYS A 141 -10.77 -22.92 -3.67
N ASN A 142 -11.90 -22.22 -3.80
CA ASN A 142 -12.18 -21.10 -2.93
C ASN A 142 -12.78 -21.59 -1.61
N ARG A 143 -13.33 -20.68 -0.81
CA ARG A 143 -13.84 -21.06 0.49
C ARG A 143 -15.06 -21.98 0.41
N ASP A 144 -15.70 -22.03 -0.75
CA ASP A 144 -16.93 -22.80 -0.91
C ASP A 144 -16.62 -24.20 -1.46
N GLY A 145 -15.35 -24.44 -1.77
CA GLY A 145 -14.91 -25.70 -2.34
C GLY A 145 -14.98 -25.69 -3.86
N ASN A 146 -15.30 -24.53 -4.41
CA ASN A 146 -15.42 -24.36 -5.86
C ASN A 146 -14.09 -24.03 -6.51
N THR A 147 -13.76 -24.74 -7.58
CA THR A 147 -12.61 -24.38 -8.41
C THR A 147 -13.16 -23.41 -9.46
N PRO A 148 -12.29 -22.72 -10.23
CA PRO A 148 -12.80 -21.88 -11.31
C PRO A 148 -13.64 -22.67 -12.32
N LEU A 149 -13.26 -23.93 -12.54
CA LEU A 149 -14.04 -24.79 -13.42
C LEU A 149 -15.49 -24.92 -12.93
N ASP A 150 -15.66 -25.00 -11.61
CA ASP A 150 -16.99 -25.14 -10.99
C ASP A 150 -17.88 -23.91 -11.20
N LEU A 151 -17.26 -22.77 -11.46
CA LEU A 151 -17.97 -21.50 -11.57
C LEU A 151 -18.33 -21.16 -13.00
N VAL A 152 -17.86 -21.99 -13.92
CA VAL A 152 -18.11 -21.79 -15.34
C VAL A 152 -19.59 -21.94 -15.62
N LYS A 153 -20.13 -21.04 -16.44
CA LYS A 153 -21.52 -21.08 -16.90
C LYS A 153 -21.96 -22.51 -17.22
N ASP A 154 -23.14 -22.89 -16.72
CA ASP A 154 -23.68 -24.24 -16.89
C ASP A 154 -23.64 -24.71 -18.35
N GLY A 155 -22.96 -25.84 -18.61
CA GLY A 155 -22.94 -26.43 -19.94
C GLY A 155 -22.05 -25.78 -20.98
N ASP A 156 -21.25 -24.79 -20.58
CA ASP A 156 -20.40 -24.06 -21.53
C ASP A 156 -19.13 -24.83 -21.90
N THR A 157 -19.23 -25.70 -22.90
CA THR A 157 -18.16 -26.65 -23.17
C THR A 157 -16.83 -26.03 -23.65
N ASP A 158 -16.91 -24.96 -24.44
CA ASP A 158 -15.70 -24.30 -24.93
C ASP A 158 -14.77 -23.85 -23.80
N ILE A 159 -15.35 -23.21 -22.79
CA ILE A 159 -14.54 -22.73 -21.67
C ILE A 159 -14.21 -23.81 -20.65
N GLN A 160 -15.09 -24.81 -20.54
CA GLN A 160 -14.82 -26.01 -19.73
C GLN A 160 -13.60 -26.74 -20.27
N ASP A 161 -13.56 -26.91 -21.59
CA ASP A 161 -12.45 -27.61 -22.23
C ASP A 161 -11.14 -26.84 -22.09
N LEU A 162 -11.23 -25.51 -22.14
CA LEU A 162 -10.05 -24.68 -22.00
C LEU A 162 -9.45 -24.86 -20.61
N LEU A 163 -10.31 -24.90 -19.60
CA LEU A 163 -9.87 -25.02 -18.22
C LEU A 163 -9.56 -26.46 -17.82
N ARG A 164 -10.02 -27.44 -18.60
CA ARG A 164 -9.73 -28.83 -18.31
C ARG A 164 -8.28 -29.18 -18.62
N GLY B 1 -16.16 -13.12 -5.85
CA GLY B 1 -15.18 -12.86 -4.81
C GLY B 1 -15.71 -12.12 -3.60
N ALA B 2 -14.79 -11.62 -2.79
CA ALA B 2 -15.08 -11.05 -1.48
C ALA B 2 -15.62 -9.60 -1.48
N MET B 3 -15.76 -8.99 -2.66
CA MET B 3 -16.27 -7.62 -2.80
C MET B 3 -17.51 -7.34 -1.91
N GLY B 4 -17.48 -6.27 -1.14
CA GLY B 4 -18.55 -5.99 -0.20
C GLY B 4 -18.03 -5.50 1.15
N ILE B 5 -18.76 -5.81 2.23
CA ILE B 5 -18.42 -5.33 3.57
C ILE B 5 -17.33 -6.13 4.28
N SER B 6 -16.95 -7.26 3.70
CA SER B 6 -15.97 -8.15 4.31
C SER B 6 -14.56 -7.56 4.34
N LEU B 7 -13.79 -7.89 5.37
CA LEU B 7 -12.43 -7.38 5.52
C LEU B 7 -11.58 -8.26 6.41
N GLY B 8 -10.27 -8.24 6.20
CA GLY B 8 -9.40 -9.07 6.98
C GLY B 8 -8.08 -9.36 6.32
N ASN B 9 -7.17 -9.93 7.09
CA ASN B 9 -5.86 -10.34 6.58
C ASN B 9 -5.77 -11.85 6.44
N SER B 10 -4.85 -12.34 5.62
CA SER B 10 -4.49 -13.76 5.66
C SER B 10 -3.73 -14.04 6.95
N GLU B 11 -3.64 -15.31 7.31
CA GLU B 11 -2.88 -15.72 8.47
C GLU B 11 -1.39 -15.38 8.25
N ALA B 12 -0.92 -15.64 7.04
CA ALA B 12 0.48 -15.40 6.67
C ALA B 12 0.84 -13.93 6.79
N ASP B 13 -0.05 -13.03 6.35
CA ASP B 13 0.19 -11.59 6.50
C ASP B 13 0.19 -11.14 7.95
N ARG B 14 -0.75 -11.66 8.72
CA ARG B 14 -0.82 -11.44 10.16
C ARG B 14 0.51 -11.84 10.82
N GLN B 15 1.05 -12.98 10.40
CA GLN B 15 2.29 -13.51 10.95
C GLN B 15 3.50 -12.66 10.57
N LEU B 16 3.46 -12.07 9.39
CA LEU B 16 4.55 -11.21 8.95
C LEU B 16 4.51 -9.88 9.70
N LEU B 17 3.30 -9.37 9.92
CA LEU B 17 3.14 -8.14 10.68
C LEU B 17 3.65 -8.33 12.11
N GLU B 18 3.28 -9.44 12.75
CA GLU B 18 3.71 -9.72 14.13
C GLU B 18 5.22 -9.95 14.21
N ALA B 19 5.77 -10.58 13.19
CA ALA B 19 7.20 -10.87 13.14
C ALA B 19 7.99 -9.58 13.01
N ALA B 20 7.48 -8.66 12.20
CA ALA B 20 8.13 -7.36 12.05
C ALA B 20 8.11 -6.57 13.35
N LYS B 21 6.98 -6.63 14.07
CA LYS B 21 6.85 -5.96 15.35
C LYS B 21 7.76 -6.57 16.44
N ALA B 22 7.86 -7.90 16.45
CA ALA B 22 8.64 -8.61 17.46
C ALA B 22 10.14 -8.58 17.17
N GLY B 23 10.52 -8.22 15.95
CA GLY B 23 11.91 -8.25 15.55
C GLY B 23 12.36 -9.64 15.12
N ASP B 24 11.39 -10.50 14.84
CA ASP B 24 11.63 -11.88 14.46
C ASP B 24 12.16 -11.94 13.01
N VAL B 25 13.44 -11.68 12.83
CA VAL B 25 14.05 -11.62 11.50
C VAL B 25 13.83 -12.89 10.65
N GLU B 26 13.95 -14.05 11.28
CA GLU B 26 13.87 -15.31 10.56
C GLU B 26 12.46 -15.54 9.98
N THR B 27 11.43 -15.14 10.72
CA THR B 27 10.07 -15.27 10.21
C THR B 27 9.80 -14.20 9.15
N VAL B 28 10.35 -13.00 9.34
CA VAL B 28 10.30 -11.98 8.29
C VAL B 28 10.92 -12.51 6.96
N LYS B 29 12.12 -13.07 7.03
CA LYS B 29 12.77 -13.59 5.83
C LYS B 29 11.95 -14.71 5.18
N LYS B 30 11.19 -15.42 5.98
CA LYS B 30 10.41 -16.55 5.49
C LYS B 30 9.14 -16.09 4.77
N LEU B 31 8.52 -15.03 5.27
CA LEU B 31 7.20 -14.62 4.80
C LEU B 31 7.23 -13.41 3.91
N CYS B 32 8.34 -12.67 3.93
CA CYS B 32 8.44 -11.45 3.14
C CYS B 32 8.59 -11.80 1.67
N THR B 33 7.55 -11.50 0.89
CA THR B 33 7.59 -11.68 -0.55
C THR B 33 7.07 -10.41 -1.20
N VAL B 34 7.09 -10.37 -2.54
CA VAL B 34 6.56 -9.23 -3.28
C VAL B 34 5.06 -9.03 -3.01
N GLN B 35 4.36 -10.13 -2.77
CA GLN B 35 2.94 -10.05 -2.44
C GLN B 35 2.69 -9.53 -1.04
N SER B 36 3.63 -9.72 -0.13
CA SER B 36 3.34 -9.52 1.29
C SER B 36 4.10 -8.37 1.96
N VAL B 37 5.20 -7.94 1.36
CA VAL B 37 6.11 -6.98 2.00
C VAL B 37 5.37 -5.70 2.44
N ASN B 38 4.37 -5.30 1.66
CA ASN B 38 3.61 -4.10 1.97
C ASN B 38 2.16 -4.33 2.34
N CYS B 39 1.86 -5.51 2.92
CA CYS B 39 0.51 -5.82 3.41
C CYS B 39 0.11 -4.85 4.51
N ARG B 40 -1.21 -4.69 4.69
CA ARG B 40 -1.74 -3.69 5.62
C ARG B 40 -2.50 -4.38 6.74
N ASP B 41 -2.24 -3.93 7.95
CA ASP B 41 -2.94 -4.46 9.12
C ASP B 41 -4.41 -4.00 9.13
N ILE B 42 -5.27 -4.79 8.52
CA ILE B 42 -6.70 -4.44 8.37
C ILE B 42 -7.45 -4.35 9.69
N GLU B 43 -7.11 -5.20 10.65
CA GLU B 43 -7.79 -5.17 11.95
C GLU B 43 -7.28 -4.02 12.81
N GLY B 44 -6.16 -3.42 12.40
CA GLY B 44 -5.53 -2.37 13.16
C GLY B 44 -5.78 -0.99 12.56
N ARG B 45 -4.71 -0.35 12.11
CA ARG B 45 -4.87 0.97 11.52
C ARG B 45 -4.23 1.01 10.14
N GLN B 46 -4.09 -0.17 9.54
CA GLN B 46 -3.51 -0.34 8.20
C GLN B 46 -2.02 -0.01 8.09
N SER B 47 -1.31 -0.21 9.19
CA SER B 47 0.16 -0.12 9.17
C SER B 47 0.71 -1.29 8.37
N THR B 48 1.89 -1.08 7.78
CA THR B 48 2.62 -2.11 7.02
C THR B 48 3.68 -2.73 7.92
N PRO B 49 4.32 -3.83 7.48
CA PRO B 49 5.43 -4.34 8.28
C PRO B 49 6.48 -3.29 8.59
N LEU B 50 6.75 -2.39 7.65
CA LEU B 50 7.76 -1.36 7.86
C LEU B 50 7.40 -0.34 8.95
N HIS B 51 6.13 0.03 9.05
CA HIS B 51 5.63 0.84 10.15
C HIS B 51 5.96 0.18 11.46
N PHE B 52 5.63 -1.09 11.55
CA PHE B 52 5.83 -1.87 12.77
C PHE B 52 7.31 -1.99 13.12
N ALA B 53 8.14 -2.34 12.14
CA ALA B 53 9.58 -2.47 12.39
C ALA B 53 10.20 -1.14 12.83
N ALA B 54 9.72 -0.06 12.23
CA ALA B 54 10.26 1.27 12.53
C ALA B 54 9.84 1.74 13.93
N GLY B 55 8.57 1.51 14.26
CA GLY B 55 8.03 1.94 15.55
C GLY B 55 8.60 1.18 16.73
N TYR B 56 8.99 -0.08 16.50
CA TYR B 56 9.56 -0.90 17.56
C TYR B 56 11.08 -1.03 17.49
N ASN B 57 11.71 -0.17 16.69
CA ASN B 57 13.16 -0.04 16.65
C ASN B 57 13.84 -1.36 16.25
N ARG B 58 13.25 -2.03 15.28
CA ARG B 58 13.79 -3.29 14.80
C ARG B 58 14.71 -2.97 13.63
N VAL B 59 15.92 -2.54 13.98
CA VAL B 59 16.85 -1.99 13.00
C VAL B 59 17.19 -2.98 11.89
N SER B 60 17.60 -4.19 12.24
CA SER B 60 17.91 -5.16 11.19
C SER B 60 16.68 -5.55 10.35
N VAL B 61 15.48 -5.45 10.93
CA VAL B 61 14.24 -5.79 10.22
C VAL B 61 13.85 -4.70 9.21
N VAL B 62 13.99 -3.44 9.62
CA VAL B 62 13.87 -2.30 8.73
C VAL B 62 14.80 -2.46 7.53
N GLU B 63 16.08 -2.74 7.82
CA GLU B 63 17.05 -2.94 6.76
C GLU B 63 16.64 -4.03 5.78
N TYR B 64 16.26 -5.19 6.30
CA TYR B 64 15.88 -6.29 5.41
C TYR B 64 14.70 -5.88 4.55
N LEU B 65 13.67 -5.31 5.21
CA LEU B 65 12.45 -4.86 4.52
C LEU B 65 12.78 -3.86 3.42
N LEU B 66 13.52 -2.81 3.76
CA LEU B 66 13.93 -1.80 2.77
C LEU B 66 14.66 -2.41 1.56
N GLN B 67 15.51 -3.40 1.84
CA GLN B 67 16.24 -4.07 0.77
C GLN B 67 15.38 -5.04 -0.04
N HIS B 68 14.13 -5.24 0.37
CA HIS B 68 13.25 -6.19 -0.32
C HIS B 68 11.90 -5.57 -0.68
N GLY B 69 11.93 -4.30 -1.06
CA GLY B 69 10.80 -3.64 -1.66
C GLY B 69 9.76 -3.02 -0.75
N ALA B 70 10.04 -2.90 0.55
CA ALA B 70 9.10 -2.19 1.41
C ALA B 70 9.01 -0.72 1.02
N ASP B 71 7.80 -0.18 1.11
CA ASP B 71 7.46 1.15 0.64
C ASP B 71 7.59 2.20 1.75
N VAL B 72 8.58 3.10 1.63
CA VAL B 72 8.72 4.14 2.65
C VAL B 72 7.60 5.16 2.62
N HIS B 73 6.85 5.19 1.53
CA HIS B 73 5.79 6.19 1.36
C HIS B 73 4.42 5.69 1.77
N ALA B 74 4.35 4.44 2.23
CA ALA B 74 3.08 3.85 2.64
C ALA B 74 2.51 4.60 3.84
N LYS B 75 1.25 5.00 3.74
CA LYS B 75 0.60 5.73 4.84
C LYS B 75 -0.43 4.85 5.52
N ASP B 76 -0.54 4.97 6.83
CA ASP B 76 -1.58 4.23 7.56
C ASP B 76 -2.90 5.00 7.47
N LYS B 77 -3.92 4.59 8.24
CA LYS B 77 -5.24 5.21 8.10
C LYS B 77 -5.26 6.69 8.48
N GLY B 78 -4.28 7.12 9.28
CA GLY B 78 -4.26 8.51 9.74
C GLY B 78 -3.19 9.33 9.04
N GLY B 79 -2.65 8.80 7.96
CA GLY B 79 -1.65 9.51 7.18
C GLY B 79 -0.20 9.33 7.61
N LEU B 80 0.03 8.46 8.60
CA LEU B 80 1.40 8.27 9.12
C LEU B 80 2.24 7.36 8.21
N VAL B 81 3.43 7.83 7.84
CA VAL B 81 4.41 7.01 7.15
C VAL B 81 5.41 6.43 8.16
N PRO B 82 6.18 5.39 7.78
CA PRO B 82 7.08 4.79 8.77
C PRO B 82 8.04 5.81 9.43
N LEU B 83 8.47 6.81 8.66
CA LEU B 83 9.28 7.88 9.22
C LEU B 83 8.59 8.60 10.39
N HIS B 84 7.28 8.81 10.31
CA HIS B 84 6.55 9.40 11.45
C HIS B 84 6.81 8.60 12.70
N ASN B 85 6.73 7.28 12.56
CA ASN B 85 6.87 6.37 13.69
C ASN B 85 8.27 6.46 14.28
N ALA B 86 9.27 6.52 13.42
CA ALA B 86 10.65 6.57 13.87
C ALA B 86 10.91 7.84 14.66
N CYS B 87 10.32 8.94 14.20
CA CYS B 87 10.55 10.23 14.82
C CYS B 87 9.70 10.40 16.08
N SER B 88 8.51 9.77 16.11
CA SER B 88 7.68 9.87 17.31
C SER B 88 8.29 9.12 18.47
N TYR B 89 8.96 8.00 18.17
CA TYR B 89 9.53 7.17 19.21
C TYR B 89 11.04 7.36 19.38
N GLY B 90 11.59 8.31 18.63
CA GLY B 90 12.97 8.73 18.80
C GLY B 90 14.01 7.71 18.36
N HIS B 91 13.70 6.99 17.29
CA HIS B 91 14.57 5.96 16.74
C HIS B 91 15.47 6.49 15.60
N TYR B 92 16.67 6.93 15.95
CA TYR B 92 17.55 7.60 15.00
C TYR B 92 18.09 6.67 13.92
N GLU B 93 18.57 5.50 14.31
CA GLU B 93 19.15 4.57 13.36
C GLU B 93 18.11 4.17 12.33
N VAL B 94 16.86 4.07 12.77
CA VAL B 94 15.75 3.75 11.90
C VAL B 94 15.38 4.93 10.98
N ALA B 95 15.32 6.12 11.55
CA ALA B 95 15.07 7.32 10.75
C ALA B 95 16.15 7.49 9.67
N GLU B 96 17.41 7.27 10.04
CA GLU B 96 18.52 7.36 9.10
C GLU B 96 18.36 6.38 7.93
N LEU B 97 18.03 5.13 8.24
CA LEU B 97 17.80 4.12 7.20
C LEU B 97 16.68 4.53 6.25
N LEU B 98 15.57 5.01 6.82
CA LEU B 98 14.42 5.43 6.03
C LEU B 98 14.76 6.54 5.04
N VAL B 99 15.46 7.59 5.49
CA VAL B 99 15.83 8.67 4.59
C VAL B 99 16.89 8.31 3.53
N LYS B 100 17.80 7.37 3.85
CA LYS B 100 18.73 6.85 2.84
C LYS B 100 17.99 6.12 1.73
N HIS B 101 16.81 5.60 2.03
CA HIS B 101 16.04 4.84 1.07
C HIS B 101 14.88 5.63 0.45
N GLY B 102 14.96 6.95 0.52
CA GLY B 102 14.08 7.81 -0.23
C GLY B 102 12.89 8.39 0.52
N ALA B 103 12.83 8.16 1.83
CA ALA B 103 11.72 8.69 2.62
C ALA B 103 11.66 10.20 2.46
N VAL B 104 10.45 10.72 2.28
CA VAL B 104 10.22 12.15 2.19
C VAL B 104 10.08 12.76 3.58
N VAL B 105 10.90 13.75 3.91
CA VAL B 105 10.87 14.29 5.26
C VAL B 105 9.79 15.35 5.49
N ASN B 106 9.24 15.91 4.42
CA ASN B 106 8.21 16.96 4.54
C ASN B 106 6.78 16.43 4.39
N VAL B 107 6.64 15.11 4.50
CA VAL B 107 5.36 14.44 4.41
C VAL B 107 4.48 14.79 5.62
N ALA B 108 3.19 14.94 5.39
CA ALA B 108 2.27 15.38 6.43
C ALA B 108 1.18 14.35 6.62
N ASP B 109 0.78 14.12 7.87
CA ASP B 109 -0.31 13.20 8.13
C ASP B 109 -1.65 13.90 7.96
N LEU B 110 -2.71 13.20 8.35
CA LEU B 110 -4.07 13.75 8.30
C LEU B 110 -4.23 15.11 8.98
N TRP B 111 -3.45 15.37 10.03
CA TRP B 111 -3.56 16.64 10.74
C TRP B 111 -2.42 17.58 10.35
N LYS B 112 -1.73 17.26 9.26
CA LYS B 112 -0.62 18.06 8.72
C LYS B 112 0.62 18.14 9.63
N PHE B 113 0.77 17.17 10.52
CA PHE B 113 2.01 16.97 11.27
C PHE B 113 3.04 16.32 10.37
N THR B 114 4.25 16.87 10.33
CA THR B 114 5.36 16.29 9.58
C THR B 114 6.26 15.54 10.55
N PRO B 115 7.18 14.71 10.04
CA PRO B 115 8.18 14.08 10.91
C PRO B 115 8.99 15.07 11.73
N LEU B 116 9.24 16.27 11.21
CA LEU B 116 9.93 17.30 12.00
C LEU B 116 9.09 17.79 13.19
N HIS B 117 7.77 17.90 12.99
CA HIS B 117 6.86 18.21 14.09
C HIS B 117 7.00 17.21 15.22
N GLU B 118 7.10 15.94 14.87
CA GLU B 118 7.17 14.88 15.85
C GLU B 118 8.49 14.92 16.62
N ALA B 119 9.59 15.01 15.90
CA ALA B 119 10.91 14.99 16.51
C ALA B 119 11.13 16.23 17.36
N ALA B 120 10.58 17.35 16.90
CA ALA B 120 10.70 18.60 17.66
C ALA B 120 9.92 18.49 18.96
N ALA B 121 8.68 18.02 18.87
CA ALA B 121 7.84 17.83 20.05
C ALA B 121 8.47 16.83 21.04
N LYS B 122 9.00 15.74 20.51
CA LYS B 122 9.63 14.73 21.33
C LYS B 122 11.00 15.19 21.84
N GLY B 123 11.57 16.22 21.20
CA GLY B 123 12.82 16.81 21.67
C GLY B 123 14.09 16.06 21.26
N LYS B 124 14.01 15.30 20.18
CA LYS B 124 15.15 14.51 19.70
C LYS B 124 16.07 15.35 18.82
N TYR B 125 17.14 15.87 19.42
CA TYR B 125 18.06 16.78 18.74
C TYR B 125 18.63 16.18 17.47
N GLU B 126 19.28 15.03 17.63
CA GLU B 126 19.93 14.35 16.52
C GLU B 126 18.98 14.01 15.38
N ILE B 127 17.76 13.63 15.72
CA ILE B 127 16.78 13.31 14.69
C ILE B 127 16.38 14.57 13.95
N CYS B 128 16.03 15.61 14.71
CA CYS B 128 15.75 16.93 14.16
C CYS B 128 16.84 17.33 13.19
N LYS B 129 18.08 17.22 13.66
CA LYS B 129 19.25 17.57 12.88
C LYS B 129 19.30 16.77 11.57
N LEU B 130 19.07 15.46 11.66
CA LEU B 130 19.06 14.58 10.48
C LEU B 130 17.97 14.98 9.49
N LEU B 131 16.77 15.23 10.00
CA LEU B 131 15.67 15.67 9.14
C LEU B 131 16.00 17.00 8.45
N LEU B 132 16.62 17.93 9.18
CA LEU B 132 16.93 19.23 8.59
C LEU B 132 18.02 19.13 7.51
N GLN B 133 18.97 18.22 7.72
CA GLN B 133 20.06 17.97 6.78
C GLN B 133 19.53 17.41 5.47
N HIS B 134 18.29 16.90 5.52
CA HIS B 134 17.68 16.29 4.36
C HIS B 134 16.50 17.13 3.87
N GLY B 135 16.46 18.38 4.31
CA GLY B 135 15.55 19.36 3.74
C GLY B 135 14.28 19.66 4.49
N ALA B 136 14.16 19.16 5.71
CA ALA B 136 12.94 19.37 6.50
C ALA B 136 12.66 20.86 6.72
N ASP B 137 11.39 21.21 6.61
CA ASP B 137 10.92 22.60 6.68
C ASP B 137 10.41 22.97 8.07
N PRO B 138 11.13 23.85 8.78
CA PRO B 138 10.67 24.18 10.13
C PRO B 138 9.54 25.22 10.14
N THR B 139 9.09 25.64 8.97
CA THR B 139 8.06 26.67 8.86
C THR B 139 6.67 26.12 8.50
N LYS B 140 6.59 24.81 8.28
CA LYS B 140 5.33 24.17 7.90
C LYS B 140 4.36 24.06 9.08
N LYS B 141 3.14 24.55 8.90
CA LYS B 141 2.16 24.57 9.96
C LYS B 141 1.26 23.33 9.87
N ASN B 142 0.97 22.75 11.03
CA ASN B 142 -0.01 21.68 11.10
C ASN B 142 -1.42 22.29 11.16
N ARG B 143 -2.43 21.46 11.35
CA ARG B 143 -3.82 21.94 11.32
C ARG B 143 -4.11 22.98 12.40
N ASP B 144 -3.25 23.07 13.42
CA ASP B 144 -3.44 23.98 14.55
C ASP B 144 -2.75 25.33 14.34
N GLY B 145 -1.98 25.44 13.27
CA GLY B 145 -1.23 26.64 12.97
C GLY B 145 0.16 26.63 13.58
N ASN B 146 0.56 25.46 14.10
CA ASN B 146 1.84 25.29 14.75
C ASN B 146 2.89 24.78 13.78
N THR B 147 4.02 25.46 13.69
CA THR B 147 5.20 24.91 12.99
C THR B 147 5.97 23.98 13.95
N PRO B 148 6.96 23.22 13.42
CA PRO B 148 7.72 22.38 14.35
C PRO B 148 8.43 23.19 15.44
N LEU B 149 8.85 24.40 15.12
CA LEU B 149 9.47 25.26 16.12
C LEU B 149 8.50 25.55 17.27
N ASP B 150 7.23 25.78 16.92
CA ASP B 150 6.19 26.06 17.92
C ASP B 150 6.03 24.93 18.92
N LEU B 151 6.38 23.72 18.49
CA LEU B 151 6.21 22.54 19.32
C LEU B 151 7.43 22.25 20.20
N VAL B 152 8.56 22.90 19.95
CA VAL B 152 9.76 22.60 20.74
C VAL B 152 9.53 22.95 22.20
N LYS B 153 10.21 22.23 23.09
CA LYS B 153 10.11 22.46 24.53
C LYS B 153 10.33 23.93 24.88
N ASP B 154 9.47 24.46 25.74
CA ASP B 154 9.46 25.86 26.14
C ASP B 154 10.84 26.36 26.55
N GLY B 155 11.36 27.33 25.80
CA GLY B 155 12.63 27.97 26.13
C GLY B 155 13.87 27.16 25.83
N ASP B 156 13.71 26.10 25.03
CA ASP B 156 14.83 25.23 24.72
C ASP B 156 15.65 25.80 23.57
N THR B 157 16.62 26.64 23.89
CA THR B 157 17.29 27.40 22.86
C THR B 157 18.18 26.59 21.91
N ASP B 158 18.74 25.49 22.39
CA ASP B 158 19.60 24.66 21.54
C ASP B 158 18.83 24.06 20.38
N ILE B 159 17.63 23.61 20.66
CA ILE B 159 16.79 23.03 19.62
C ILE B 159 16.13 24.10 18.76
N GLN B 160 15.80 25.24 19.36
CA GLN B 160 15.28 26.39 18.64
C GLN B 160 16.29 26.90 17.62
N ASP B 161 17.53 27.10 18.06
CA ASP B 161 18.57 27.59 17.18
C ASP B 161 18.86 26.60 16.05
N LEU B 162 18.79 25.31 16.36
CA LEU B 162 18.93 24.27 15.35
C LEU B 162 17.89 24.45 14.26
N LEU B 163 16.63 24.54 14.67
CA LEU B 163 15.53 24.69 13.74
C LEU B 163 15.54 26.01 12.95
N ARG B 164 16.11 27.07 13.53
CA ARG B 164 16.18 28.38 12.85
C ARG B 164 17.20 28.39 11.70
#